data_1WTF
#
_entry.id   1WTF
#
_cell.length_a   52.461
_cell.length_b   63.387
_cell.length_c   56.857
_cell.angle_alpha   90.00
_cell.angle_beta   95.06
_cell.angle_gamma   90.00
#
_symmetry.space_group_name_H-M   'P 1 21 1'
#
loop_
_entity.id
_entity.type
_entity.pdbx_description
1 polymer Ferredoxin
2 non-polymer 'SULFATE ION'
3 non-polymer 'COENZYME A'
4 non-polymer 'FE3-S4 CLUSTER'
5 water water
#
_entity_poly.entity_id   1
_entity_poly.type   'polypeptide(L)'
_entity_poly.pdbx_seq_one_letter_code
;PKYTIVDKETCIACGACGAAAPDIYDYDEDGIAYVTLDDNQGIVEVPDILIDDMMDAFEGCPTDSIKVADEPFDGDPNKF
E
;
_entity_poly.pdbx_strand_id   A,B,C,D
#
loop_
_chem_comp.id
_chem_comp.type
_chem_comp.name
_chem_comp.formula
COA non-polymer 'COENZYME A' 'C21 H36 N7 O16 P3 S'
F3S non-polymer 'FE3-S4 CLUSTER' 'Fe3 S4'
SO4 non-polymer 'SULFATE ION' 'O4 S -2'
#
# COMPACT_ATOMS: atom_id res chain seq x y z
N PRO A 1 10.78 -9.05 14.99
CA PRO A 1 11.22 -7.73 15.58
C PRO A 1 10.12 -6.69 15.35
N LYS A 2 10.16 -5.60 16.12
CA LYS A 2 9.18 -4.53 15.93
C LYS A 2 9.95 -3.30 15.46
N TYR A 3 9.29 -2.52 14.62
CA TYR A 3 9.83 -1.26 14.12
C TYR A 3 8.79 -0.19 14.36
N THR A 4 9.26 1.03 14.55
CA THR A 4 8.32 2.15 14.78
C THR A 4 8.80 3.41 14.07
N ILE A 5 7.87 4.33 13.83
CA ILE A 5 8.17 5.55 13.06
C ILE A 5 7.03 6.52 13.33
N VAL A 6 7.31 7.81 13.15
CA VAL A 6 6.26 8.82 13.31
C VAL A 6 5.89 9.36 11.94
N ASP A 7 4.59 9.44 11.64
CA ASP A 7 4.19 10.08 10.38
C ASP A 7 4.17 11.58 10.72
N LYS A 8 5.21 12.30 10.31
CA LYS A 8 5.30 13.73 10.62
C LYS A 8 4.22 14.58 9.95
N GLU A 9 3.57 14.08 8.89
CA GLU A 9 2.53 14.91 8.29
C GLU A 9 1.27 14.88 9.13
N THR A 10 1.00 13.79 9.84
CA THR A 10 -0.21 13.78 10.70
C THR A 10 0.00 14.13 12.17
N CYS A 11 1.27 14.23 12.59
CA CYS A 11 1.58 14.56 13.97
C CYS A 11 1.23 16.02 14.23
N ILE A 12 0.47 16.28 15.29
CA ILE A 12 0.17 17.66 15.63
C ILE A 12 0.66 18.02 17.03
N ALA A 13 1.80 17.46 17.39
CA ALA A 13 2.49 17.77 18.66
C ALA A 13 1.66 17.53 19.90
N CYS A 14 0.98 16.39 19.93
CA CYS A 14 0.19 16.07 21.10
C CYS A 14 1.07 15.83 22.31
N GLY A 15 2.25 15.30 22.09
CA GLY A 15 3.22 15.12 23.18
C GLY A 15 3.02 13.93 24.10
N ALA A 16 2.18 12.97 23.73
CA ALA A 16 1.96 11.81 24.59
C ALA A 16 3.10 10.82 24.42
N CYS A 17 3.63 10.76 23.21
CA CYS A 17 4.66 9.79 22.90
C CYS A 17 5.99 9.96 23.60
N GLY A 18 6.50 11.20 23.69
CA GLY A 18 7.79 11.39 24.33
C GLY A 18 7.75 11.10 25.82
N ALA A 19 6.60 11.32 26.42
CA ALA A 19 6.46 11.07 27.84
C ALA A 19 6.36 9.55 28.11
N ALA A 20 5.63 8.83 27.24
CA ALA A 20 5.45 7.40 27.43
C ALA A 20 6.69 6.60 27.06
N ALA A 21 7.50 7.09 26.13
CA ALA A 21 8.67 6.30 25.66
C ALA A 21 9.76 7.28 25.30
N PRO A 22 10.34 7.92 26.31
CA PRO A 22 11.39 8.88 26.06
C PRO A 22 12.63 8.34 25.38
N ASP A 23 12.88 7.04 25.49
CA ASP A 23 14.04 6.44 24.83
C ASP A 23 13.74 6.12 23.36
N ILE A 24 12.52 6.42 22.92
CA ILE A 24 12.19 6.15 21.53
C ILE A 24 11.79 7.41 20.74
N TYR A 25 10.93 8.24 21.35
CA TYR A 25 10.41 9.40 20.64
C TYR A 25 10.85 10.70 21.28
N ASP A 26 11.25 11.65 20.43
CA ASP A 26 11.64 12.98 20.89
C ASP A 26 11.04 13.94 19.88
N TYR A 27 11.30 15.25 20.05
CA TYR A 27 10.71 16.23 19.20
C TYR A 27 11.71 17.05 18.43
N ASP A 28 11.36 17.36 17.19
CA ASP A 28 12.31 18.14 16.39
C ASP A 28 12.15 19.63 16.72
N GLU A 29 12.86 20.49 15.98
CA GLU A 29 12.82 21.91 16.25
C GLU A 29 11.47 22.53 16.03
N ASP A 30 10.61 21.83 15.28
CA ASP A 30 9.26 22.34 15.07
C ASP A 30 8.24 21.70 15.99
N GLY A 31 8.72 20.94 16.97
CA GLY A 31 7.87 20.29 17.94
C GLY A 31 7.22 19.00 17.49
N ILE A 32 7.65 18.50 16.34
CA ILE A 32 7.05 17.31 15.76
C ILE A 32 7.82 16.08 16.19
N ALA A 33 7.11 15.02 16.57
CA ALA A 33 7.82 13.83 17.06
C ALA A 33 8.57 13.06 15.98
N TYR A 34 9.58 12.31 16.43
CA TYR A 34 10.36 11.45 15.50
C TYR A 34 11.04 10.39 16.36
N VAL A 35 11.41 9.28 15.73
CA VAL A 35 12.03 8.18 16.45
C VAL A 35 13.56 8.34 16.49
N THR A 36 14.10 8.41 17.70
CA THR A 36 15.54 8.66 17.86
C THR A 36 16.43 7.45 17.61
N LEU A 37 15.81 6.28 17.49
CA LEU A 37 16.59 5.06 17.28
C LEU A 37 17.26 4.97 15.92
N ASP A 38 16.65 5.62 14.94
CA ASP A 38 17.08 5.49 13.56
C ASP A 38 16.66 6.68 12.69
N ASP A 39 16.64 7.87 13.31
CA ASP A 39 16.29 9.08 12.58
C ASP A 39 14.95 8.98 11.83
N ASN A 40 13.99 8.41 12.54
CA ASN A 40 12.63 8.28 12.03
C ASN A 40 12.47 7.55 10.71
N GLN A 41 13.32 6.57 10.42
CA GLN A 41 13.23 5.81 9.17
C GLN A 41 12.58 4.42 9.34
N GLY A 42 12.28 4.05 10.60
CA GLY A 42 11.62 2.78 10.88
C GLY A 42 12.37 1.56 10.43
N ILE A 43 13.66 1.55 10.75
CA ILE A 43 14.52 0.45 10.29
C ILE A 43 15.30 -0.27 11.36
N VAL A 44 15.46 0.34 12.54
CA VAL A 44 16.14 -0.31 13.65
C VAL A 44 15.12 -1.05 14.49
N GLU A 45 15.43 -2.31 14.83
CA GLU A 45 14.51 -3.10 15.63
C GLU A 45 14.43 -2.44 17.02
N VAL A 46 13.21 -2.29 17.53
CA VAL A 46 13.04 -1.69 18.85
C VAL A 46 13.56 -2.68 19.92
N PRO A 47 14.47 -2.19 20.78
CA PRO A 47 15.03 -3.06 21.83
C PRO A 47 13.90 -3.73 22.63
N ASP A 48 14.08 -5.00 23.00
CA ASP A 48 13.04 -5.68 23.79
C ASP A 48 12.64 -4.89 25.04
N ILE A 49 13.63 -4.31 25.71
CA ILE A 49 13.38 -3.57 26.95
C ILE A 49 12.50 -2.34 26.73
N LEU A 50 12.30 -1.93 25.46
CA LEU A 50 11.51 -0.72 25.17
C LEU A 50 10.16 -0.99 24.51
N ILE A 51 9.83 -2.26 24.26
CA ILE A 51 8.55 -2.62 23.63
C ILE A 51 7.31 -2.13 24.39
N ASP A 52 7.29 -2.32 25.70
CA ASP A 52 6.13 -1.89 26.49
C ASP A 52 5.94 -0.36 26.36
N ASP A 53 7.03 0.40 26.46
CA ASP A 53 6.93 1.86 26.33
C ASP A 53 6.45 2.21 24.92
N MET A 54 6.99 1.52 23.91
CA MET A 54 6.54 1.77 22.54
C MET A 54 5.04 1.59 22.41
N MET A 55 4.55 0.50 23.00
CA MET A 55 3.13 0.23 22.92
C MET A 55 2.31 1.30 23.60
N ASP A 56 2.83 1.79 24.74
CA ASP A 56 2.14 2.87 25.46
C ASP A 56 2.04 4.09 24.54
N ALA A 57 3.15 4.44 23.85
CA ALA A 57 3.12 5.61 22.97
C ALA A 57 2.21 5.36 21.78
N PHE A 58 2.28 4.16 21.23
CA PHE A 58 1.44 3.78 20.09
C PHE A 58 -0.05 3.89 20.47
N GLU A 59 -0.38 3.44 21.66
CA GLU A 59 -1.80 3.51 22.05
C GLU A 59 -2.24 4.91 22.42
N GLY A 60 -1.33 5.67 23.03
CA GLY A 60 -1.67 6.99 23.49
C GLY A 60 -1.76 8.10 22.47
N CYS A 61 -1.09 7.97 21.34
CA CYS A 61 -1.09 9.05 20.35
C CYS A 61 -2.50 9.34 19.85
N PRO A 62 -3.02 10.53 20.08
CA PRO A 62 -4.39 10.84 19.63
C PRO A 62 -4.61 10.84 18.15
N THR A 63 -3.55 11.06 17.37
CA THR A 63 -3.65 11.12 15.91
C THR A 63 -3.24 9.86 15.17
N ASP A 64 -2.87 8.84 15.94
CA ASP A 64 -2.40 7.57 15.38
C ASP A 64 -1.23 7.81 14.47
N SER A 65 -0.39 8.78 14.81
CA SER A 65 0.77 9.08 13.96
C SER A 65 1.92 8.13 14.27
N ILE A 66 1.89 7.48 15.42
CA ILE A 66 2.93 6.49 15.77
C ILE A 66 2.52 5.19 15.12
N LYS A 67 3.42 4.60 14.37
CA LYS A 67 3.17 3.32 13.66
C LYS A 67 4.05 2.25 14.26
N VAL A 68 3.55 1.01 14.23
CA VAL A 68 4.29 -0.15 14.70
C VAL A 68 4.10 -1.25 13.70
N ALA A 69 5.20 -1.88 13.28
CA ALA A 69 5.14 -2.95 12.29
C ALA A 69 6.15 -4.06 12.56
N ASP A 70 6.02 -5.18 11.82
CA ASP A 70 6.92 -6.32 11.97
C ASP A 70 8.02 -6.37 10.90
N GLU A 71 8.03 -5.39 10.01
CA GLU A 71 9.00 -5.29 8.95
C GLU A 71 9.37 -3.81 8.87
N PRO A 72 10.57 -3.49 8.40
CA PRO A 72 11.01 -2.10 8.28
C PRO A 72 10.13 -1.26 7.38
N PHE A 73 10.03 0.03 7.71
CA PHE A 73 9.26 0.97 6.92
C PHE A 73 10.08 1.61 5.78
N ASP A 74 11.41 1.52 5.90
CA ASP A 74 12.34 2.12 4.94
C ASP A 74 11.97 3.56 4.65
N GLY A 75 11.68 4.29 5.73
CA GLY A 75 11.38 5.72 5.62
C GLY A 75 9.94 6.14 5.36
N ASP A 76 9.08 5.20 4.96
CA ASP A 76 7.69 5.52 4.63
C ASP A 76 6.76 5.18 5.78
N PRO A 77 6.26 6.19 6.50
CA PRO A 77 5.36 5.90 7.62
C PRO A 77 4.04 5.27 7.25
N ASN A 78 3.74 5.34 5.95
CA ASN A 78 2.44 4.80 5.50
C ASN A 78 2.60 3.52 4.71
N LYS A 79 3.76 2.88 4.82
CA LYS A 79 4.04 1.67 4.07
C LYS A 79 2.98 0.61 4.27
N PHE A 80 2.49 0.47 5.51
CA PHE A 80 1.49 -0.55 5.82
C PHE A 80 0.07 0.00 5.93
N GLU A 81 -0.20 1.14 5.30
CA GLU A 81 -1.54 1.66 5.37
C GLU A 81 -2.15 1.36 4.05
N PRO B 1 -4.88 14.01 -19.13
CA PRO B 1 -3.51 14.55 -19.19
C PRO B 1 -2.50 13.42 -18.96
N LYS B 2 -1.23 13.73 -19.25
CA LYS B 2 -0.14 12.77 -19.04
C LYS B 2 0.91 13.42 -18.17
N TYR B 3 1.53 12.58 -17.34
CA TYR B 3 2.58 13.00 -16.42
C TYR B 3 3.73 12.04 -16.60
N THR B 4 4.95 12.54 -16.37
CA THR B 4 6.11 11.69 -16.56
C THR B 4 7.16 11.96 -15.46
N ILE B 5 8.01 10.97 -15.23
CA ILE B 5 9.00 11.06 -14.14
C ILE B 5 10.08 9.99 -14.44
N VAL B 6 11.25 10.18 -13.88
CA VAL B 6 12.35 9.25 -14.02
C VAL B 6 12.57 8.58 -12.66
N ASP B 7 12.67 7.25 -12.69
CA ASP B 7 13.04 6.51 -11.45
C ASP B 7 14.58 6.63 -11.43
N LYS B 8 15.09 7.53 -10.58
CA LYS B 8 16.55 7.68 -10.50
C LYS B 8 17.28 6.48 -9.94
N GLU B 9 16.58 5.61 -9.22
CA GLU B 9 17.24 4.40 -8.72
C GLU B 9 17.55 3.41 -9.79
N THR B 10 16.71 3.29 -10.83
CA THR B 10 16.95 2.33 -11.89
C THR B 10 17.64 2.99 -13.10
N CYS B 11 17.67 4.34 -13.14
CA CYS B 11 18.31 5.02 -14.29
C CYS B 11 19.83 4.83 -14.25
N ILE B 12 20.46 4.36 -15.35
CA ILE B 12 21.92 4.19 -15.34
C ILE B 12 22.66 5.02 -16.42
N ALA B 13 22.13 6.22 -16.66
CA ALA B 13 22.71 7.23 -17.54
C ALA B 13 22.90 6.75 -18.96
N CYS B 14 21.93 6.01 -19.47
CA CYS B 14 22.06 5.48 -20.83
C CYS B 14 22.10 6.64 -21.82
N GLY B 15 21.27 7.65 -21.58
CA GLY B 15 21.27 8.82 -22.44
C GLY B 15 20.29 8.85 -23.62
N ALA B 16 19.42 7.87 -23.75
CA ALA B 16 18.47 7.88 -24.86
C ALA B 16 17.41 8.97 -24.69
N CYS B 17 16.99 9.18 -23.46
CA CYS B 17 15.92 10.12 -23.21
C CYS B 17 16.17 11.60 -23.54
N GLY B 18 17.36 12.11 -23.29
CA GLY B 18 17.63 13.50 -23.57
C GLY B 18 17.78 13.65 -25.08
N ALA B 19 18.17 12.56 -25.75
CA ALA B 19 18.34 12.59 -27.20
C ALA B 19 16.95 12.66 -27.84
N ALA B 20 16.03 11.88 -27.31
CA ALA B 20 14.67 11.84 -27.84
C ALA B 20 13.79 13.03 -27.45
N ALA B 21 13.93 13.51 -26.22
CA ALA B 21 13.05 14.58 -25.67
C ALA B 21 13.80 15.58 -24.80
N PRO B 22 14.67 16.37 -25.41
CA PRO B 22 15.47 17.38 -24.70
C PRO B 22 14.67 18.40 -23.92
N ASP B 23 13.45 18.65 -24.33
CA ASP B 23 12.60 19.60 -23.60
C ASP B 23 11.92 18.98 -22.36
N ILE B 24 12.15 17.69 -22.12
CA ILE B 24 11.54 17.04 -20.96
C ILE B 24 12.56 16.43 -20.01
N TYR B 25 13.58 15.79 -20.56
CA TYR B 25 14.56 15.10 -19.74
C TYR B 25 15.92 15.66 -19.87
N ASP B 26 16.58 15.83 -18.74
CA ASP B 26 17.95 16.32 -18.72
C ASP B 26 18.71 15.52 -17.67
N TYR B 27 19.98 15.84 -17.43
CA TYR B 27 20.77 15.04 -16.49
C TYR B 27 21.28 15.81 -15.31
N ASP B 28 21.27 15.17 -14.13
CA ASP B 28 21.76 15.86 -12.95
C ASP B 28 23.26 15.80 -12.95
N GLU B 29 23.84 16.31 -11.87
CA GLU B 29 25.30 16.36 -11.71
C GLU B 29 25.95 14.98 -11.72
N ASP B 30 25.15 13.95 -11.45
CA ASP B 30 25.73 12.61 -11.45
C ASP B 30 25.47 11.86 -12.73
N GLY B 31 24.91 12.57 -13.72
CA GLY B 31 24.58 11.96 -15.00
C GLY B 31 23.22 11.24 -15.04
N ILE B 32 22.48 11.31 -13.95
CA ILE B 32 21.18 10.62 -13.86
C ILE B 32 20.05 11.50 -14.40
N ALA B 33 19.14 10.91 -15.17
CA ALA B 33 18.07 11.72 -15.74
C ALA B 33 17.03 12.19 -14.79
N TYR B 34 16.39 13.30 -15.14
CA TYR B 34 15.29 13.81 -14.34
C TYR B 34 14.39 14.64 -15.27
N VAL B 35 13.12 14.80 -14.90
CA VAL B 35 12.17 15.59 -15.69
C VAL B 35 12.29 17.10 -15.33
N THR B 36 12.60 17.93 -16.32
CA THR B 36 12.79 19.37 -16.06
C THR B 36 11.48 20.18 -15.97
N LEU B 37 10.35 19.55 -16.30
CA LEU B 37 9.08 20.28 -16.25
C LEU B 37 8.61 20.54 -14.83
N ASP B 38 9.08 19.73 -13.88
CA ASP B 38 8.56 19.83 -12.52
C ASP B 38 9.54 19.22 -11.51
N ASP B 39 10.83 19.42 -11.75
CA ASP B 39 11.85 18.91 -10.83
C ASP B 39 11.66 17.43 -10.52
N ASN B 40 11.36 16.65 -11.57
CA ASN B 40 11.17 15.20 -11.42
C ASN B 40 10.11 14.76 -10.38
N GLN B 41 9.01 15.53 -10.17
CA GLN B 41 8.00 15.08 -9.20
C GLN B 41 6.73 14.50 -9.88
N GLY B 42 6.71 14.52 -11.22
CA GLY B 42 5.58 13.97 -11.93
C GLY B 42 4.26 14.62 -11.60
N ILE B 43 4.26 15.96 -11.56
CA ILE B 43 3.06 16.70 -11.18
C ILE B 43 2.54 17.72 -12.17
N VAL B 44 3.34 18.04 -13.20
CA VAL B 44 2.97 19.00 -14.24
C VAL B 44 2.48 18.18 -15.47
N GLU B 45 1.37 18.60 -16.06
CA GLU B 45 0.84 17.87 -17.23
C GLU B 45 1.81 18.11 -18.38
N VAL B 46 2.19 17.06 -19.11
CA VAL B 46 3.11 17.27 -20.20
C VAL B 46 2.41 18.00 -21.35
N PRO B 47 3.03 19.10 -21.87
CA PRO B 47 2.44 19.86 -22.98
C PRO B 47 2.05 18.93 -24.16
N ASP B 48 0.89 19.17 -24.76
CA ASP B 48 0.49 18.38 -25.91
C ASP B 48 1.62 18.29 -26.93
N ILE B 49 2.31 19.41 -27.14
CA ILE B 49 3.42 19.53 -28.11
C ILE B 49 4.62 18.66 -27.85
N LEU B 50 4.72 18.16 -26.63
CA LEU B 50 5.85 17.31 -26.25
C LEU B 50 5.49 15.83 -26.06
N ILE B 51 4.21 15.48 -26.23
CA ILE B 51 3.75 14.13 -26.05
C ILE B 51 4.47 13.11 -26.93
N ASP B 52 4.65 13.40 -28.22
CA ASP B 52 5.34 12.44 -29.07
C ASP B 52 6.80 12.21 -28.61
N ASP B 53 7.50 13.29 -28.26
CA ASP B 53 8.89 13.19 -27.77
C ASP B 53 8.88 12.40 -26.46
N MET B 54 7.85 12.61 -25.64
CA MET B 54 7.77 11.88 -24.37
C MET B 54 7.69 10.41 -24.61
N MET B 55 6.81 10.00 -25.55
CA MET B 55 6.66 8.57 -25.83
C MET B 55 7.91 7.99 -26.47
N ASP B 56 8.64 8.78 -27.29
CA ASP B 56 9.89 8.29 -27.87
C ASP B 56 10.87 7.98 -26.72
N ALA B 57 10.96 8.88 -25.74
CA ALA B 57 11.88 8.66 -24.61
C ALA B 57 11.39 7.49 -23.77
N PHE B 58 10.10 7.46 -23.47
CA PHE B 58 9.51 6.39 -22.70
C PHE B 58 9.84 5.02 -23.32
N GLU B 59 9.62 4.91 -24.62
CA GLU B 59 9.88 3.65 -25.31
C GLU B 59 11.36 3.35 -25.48
N GLY B 60 12.17 4.39 -25.63
CA GLY B 60 13.58 4.16 -25.88
C GLY B 60 14.48 3.94 -24.66
N CYS B 61 14.02 4.28 -23.47
CA CYS B 61 14.85 4.12 -22.27
C CYS B 61 15.13 2.62 -22.10
N PRO B 62 16.40 2.21 -22.15
CA PRO B 62 16.68 0.78 -22.01
C PRO B 62 16.36 0.11 -20.67
N THR B 63 16.26 0.92 -19.64
CA THR B 63 16.01 0.42 -18.29
C THR B 63 14.57 0.60 -17.81
N ASP B 64 13.70 1.11 -18.68
CA ASP B 64 12.31 1.38 -18.32
C ASP B 64 12.21 2.28 -17.13
N SER B 65 13.16 3.21 -17.00
CA SER B 65 13.16 4.12 -15.85
C SER B 65 12.21 5.28 -16.06
N ILE B 66 11.86 5.56 -17.32
CA ILE B 66 10.90 6.63 -17.58
C ILE B 66 9.50 6.07 -17.44
N LYS B 67 8.67 6.77 -16.66
CA LYS B 67 7.29 6.36 -16.43
C LYS B 67 6.38 7.40 -17.06
N VAL B 68 5.21 6.94 -17.48
CA VAL B 68 4.15 7.78 -18.04
C VAL B 68 2.80 7.31 -17.43
N ALA B 69 2.00 8.26 -16.93
CA ALA B 69 0.70 7.94 -16.33
C ALA B 69 -0.35 9.01 -16.64
N ASP B 70 -1.60 8.65 -16.39
CA ASP B 70 -2.73 9.55 -16.60
C ASP B 70 -3.05 10.38 -15.37
N GLU B 71 -2.33 10.16 -14.28
CA GLU B 71 -2.50 10.92 -13.02
C GLU B 71 -1.13 11.19 -12.44
N PRO B 72 -1.01 12.24 -11.62
CA PRO B 72 0.24 12.67 -10.99
C PRO B 72 0.94 11.60 -10.18
N PHE B 73 2.28 11.68 -10.14
CA PHE B 73 3.09 10.72 -9.36
C PHE B 73 3.35 11.21 -7.96
N ASP B 74 3.24 12.52 -7.75
CA ASP B 74 3.47 13.16 -6.47
C ASP B 74 4.80 12.72 -5.89
N GLY B 75 5.81 12.74 -6.75
CA GLY B 75 7.17 12.41 -6.35
C GLY B 75 7.61 10.95 -6.35
N ASP B 76 6.66 10.03 -6.47
CA ASP B 76 6.96 8.58 -6.42
C ASP B 76 6.92 7.95 -7.79
N PRO B 77 8.10 7.64 -8.34
CA PRO B 77 8.12 7.03 -9.66
C PRO B 77 7.52 5.65 -9.78
N ASN B 78 7.30 5.02 -8.62
CA ASN B 78 6.74 3.68 -8.58
C ASN B 78 5.30 3.65 -8.09
N LYS B 79 4.67 4.81 -8.09
CA LYS B 79 3.28 4.93 -7.61
C LYS B 79 2.30 3.97 -8.27
N PHE B 80 2.49 3.72 -9.57
CA PHE B 80 1.59 2.86 -10.30
C PHE B 80 2.15 1.46 -10.58
N GLU B 81 3.16 1.09 -9.80
CA GLU B 81 3.76 -0.23 -9.98
C GLU B 81 3.45 -1.14 -8.80
N PRO C 1 -3.44 -4.22 5.16
CA PRO C 1 -4.56 -4.88 5.84
C PRO C 1 -4.08 -5.34 7.20
N LYS C 2 -5.04 -5.62 8.09
CA LYS C 2 -4.70 -6.08 9.44
C LYS C 2 -5.32 -7.43 9.67
N TYR C 3 -4.57 -8.26 10.41
CA TYR C 3 -5.03 -9.60 10.73
C TYR C 3 -4.96 -9.71 12.22
N THR C 4 -5.80 -10.56 12.80
CA THR C 4 -5.77 -10.71 14.26
C THR C 4 -6.04 -12.18 14.61
N ILE C 5 -5.61 -12.58 15.80
CA ILE C 5 -5.70 -13.95 16.24
C ILE C 5 -5.49 -13.92 17.75
N VAL C 6 -5.97 -14.95 18.41
CA VAL C 6 -5.81 -15.09 19.86
C VAL C 6 -4.83 -16.22 20.14
N ASP C 7 -3.85 -15.96 21.01
CA ASP C 7 -2.95 -17.06 21.42
C ASP C 7 -3.78 -17.72 22.55
N LYS C 8 -4.42 -18.86 22.25
CA LYS C 8 -5.25 -19.55 23.26
C LYS C 8 -4.46 -20.15 24.39
N GLU C 9 -3.14 -20.30 24.22
CA GLU C 9 -2.37 -20.85 25.33
C GLU C 9 -2.14 -19.77 26.39
N THR C 10 -1.95 -18.51 26.04
CA THR C 10 -1.72 -17.49 27.05
C THR C 10 -2.99 -16.81 27.56
N CYS C 11 -4.11 -17.08 26.90
CA CYS C 11 -5.40 -16.48 27.31
C CYS C 11 -5.85 -17.02 28.66
N ILE C 12 -6.23 -16.14 29.59
CA ILE C 12 -6.71 -16.65 30.89
C ILE C 12 -8.18 -16.24 31.11
N ALA C 13 -8.89 -16.07 30.01
CA ALA C 13 -10.33 -15.77 30.03
C ALA C 13 -10.72 -14.44 30.67
N CYS C 14 -9.86 -13.43 30.51
CA CYS C 14 -10.11 -12.11 31.09
C CYS C 14 -11.38 -11.48 30.54
N GLY C 15 -11.64 -11.62 29.24
CA GLY C 15 -12.88 -11.09 28.72
C GLY C 15 -12.93 -9.64 28.25
N ALA C 16 -11.80 -8.96 28.22
CA ALA C 16 -11.79 -7.60 27.74
C ALA C 16 -11.97 -7.55 26.23
N CYS C 17 -11.49 -8.58 25.55
CA CYS C 17 -11.55 -8.60 24.09
C CYS C 17 -12.97 -8.65 23.48
N GLY C 18 -13.80 -9.58 23.96
CA GLY C 18 -15.15 -9.72 23.44
C GLY C 18 -15.99 -8.50 23.82
N ALA C 19 -15.70 -7.91 24.98
CA ALA C 19 -16.47 -6.73 25.40
C ALA C 19 -16.14 -5.53 24.49
N ALA C 20 -14.88 -5.43 24.12
CA ALA C 20 -14.43 -4.32 23.29
C ALA C 20 -14.74 -4.49 21.83
N ALA C 21 -14.75 -5.73 21.35
CA ALA C 21 -14.91 -5.99 19.92
C ALA C 21 -15.67 -7.31 19.72
N PRO C 22 -16.95 -7.30 20.09
CA PRO C 22 -17.79 -8.52 19.96
C PRO C 22 -17.95 -9.11 18.60
N ASP C 23 -17.77 -8.29 17.57
CA ASP C 23 -17.89 -8.77 16.21
C ASP C 23 -16.55 -9.39 15.72
N ILE C 24 -15.54 -9.43 16.57
CA ILE C 24 -14.28 -10.04 16.19
C ILE C 24 -13.92 -11.22 17.11
N TYR C 25 -14.09 -11.03 18.42
CA TYR C 25 -13.74 -12.05 19.39
C TYR C 25 -14.91 -12.61 20.17
N ASP C 26 -14.96 -13.93 20.28
CA ASP C 26 -15.99 -14.55 21.10
C ASP C 26 -15.28 -15.66 21.88
N TYR C 27 -16.05 -16.44 22.61
CA TYR C 27 -15.45 -17.42 23.49
C TYR C 27 -15.89 -18.83 23.20
N ASP C 28 -14.96 -19.77 23.32
CA ASP C 28 -15.30 -21.16 23.05
C ASP C 28 -15.95 -21.77 24.30
N GLU C 29 -16.18 -23.08 24.28
CA GLU C 29 -16.91 -23.74 25.38
C GLU C 29 -16.15 -23.78 26.67
N ASP C 30 -14.86 -23.46 26.58
CA ASP C 30 -14.00 -23.45 27.77
C ASP C 30 -13.66 -22.01 28.22
N GLY C 31 -14.42 -21.03 27.71
CA GLY C 31 -14.21 -19.62 28.06
C GLY C 31 -13.02 -18.93 27.44
N ILE C 32 -12.37 -19.62 26.52
CA ILE C 32 -11.16 -19.09 25.89
C ILE C 32 -11.52 -18.32 24.62
N ALA C 33 -10.91 -17.16 24.43
CA ALA C 33 -11.28 -16.35 23.26
C ALA C 33 -10.76 -16.91 21.94
N TYR C 34 -11.39 -16.49 20.85
CA TYR C 34 -10.96 -16.86 19.52
C TYR C 34 -11.54 -15.86 18.54
N VAL C 35 -10.92 -15.75 17.38
CA VAL C 35 -11.39 -14.81 16.36
C VAL C 35 -12.46 -15.47 15.49
N THR C 36 -13.65 -14.87 15.50
CA THR C 36 -14.74 -15.44 14.73
C THR C 36 -14.69 -15.22 13.21
N LEU C 37 -13.95 -14.19 12.78
CA LEU C 37 -13.82 -13.88 11.36
C LEU C 37 -13.24 -15.05 10.56
N ASP C 38 -12.37 -15.84 11.19
CA ASP C 38 -11.72 -16.90 10.47
C ASP C 38 -11.34 -18.11 11.35
N ASP C 39 -12.17 -18.37 12.35
CA ASP C 39 -11.97 -19.49 13.27
C ASP C 39 -10.55 -19.49 13.85
N ASN C 40 -10.11 -18.30 14.23
CA ASN C 40 -8.81 -18.14 14.89
C ASN C 40 -7.58 -18.56 14.10
N GLN C 41 -7.65 -18.43 12.77
CA GLN C 41 -6.50 -18.76 11.95
C GLN C 41 -5.68 -17.55 11.49
N GLY C 42 -6.16 -16.34 11.82
CA GLY C 42 -5.39 -15.15 11.47
C GLY C 42 -5.16 -14.97 9.98
N ILE C 43 -6.15 -15.28 9.17
CA ILE C 43 -6.01 -15.15 7.72
C ILE C 43 -7.03 -14.25 7.02
N VAL C 44 -8.07 -13.82 7.74
CA VAL C 44 -9.08 -12.95 7.13
C VAL C 44 -8.77 -11.52 7.54
N GLU C 45 -8.77 -10.65 6.56
CA GLU C 45 -8.46 -9.24 6.84
C GLU C 45 -9.57 -8.63 7.68
N VAL C 46 -9.20 -7.90 8.74
CA VAL C 46 -10.21 -7.25 9.57
C VAL C 46 -10.89 -6.11 8.84
N PRO C 47 -12.24 -6.13 8.77
CA PRO C 47 -13.01 -5.09 8.08
C PRO C 47 -12.63 -3.68 8.56
N ASP C 48 -12.54 -2.71 7.66
CA ASP C 48 -12.12 -1.39 8.13
C ASP C 48 -12.99 -0.86 9.28
N ILE C 49 -14.28 -1.14 9.20
CA ILE C 49 -15.26 -0.70 10.19
C ILE C 49 -14.97 -1.30 11.58
N LEU C 50 -14.18 -2.37 11.63
CA LEU C 50 -13.92 -3.00 12.92
C LEU C 50 -12.50 -2.78 13.44
N ILE C 51 -11.70 -2.00 12.70
CA ILE C 51 -10.36 -1.77 13.12
C ILE C 51 -10.25 -1.10 14.48
N ASP C 52 -11.07 -0.07 14.76
CA ASP C 52 -10.98 0.60 16.05
C ASP C 52 -11.31 -0.36 17.21
N ASP C 53 -12.35 -1.16 17.05
CA ASP C 53 -12.72 -2.14 18.12
C ASP C 53 -11.54 -3.13 18.31
N MET C 54 -10.95 -3.58 17.20
CA MET C 54 -9.80 -4.49 17.26
C MET C 54 -8.66 -3.90 18.09
N MET C 55 -8.35 -2.61 17.85
CA MET C 55 -7.28 -1.96 18.59
C MET C 55 -7.65 -1.81 20.06
N ASP C 56 -8.94 -1.58 20.36
CA ASP C 56 -9.37 -1.53 21.74
C ASP C 56 -9.12 -2.88 22.46
N ALA C 57 -9.43 -3.98 21.76
CA ALA C 57 -9.24 -5.32 22.32
C ALA C 57 -7.76 -5.63 22.50
N PHE C 58 -7.00 -5.25 21.46
CA PHE C 58 -5.56 -5.45 21.46
C PHE C 58 -4.92 -4.76 22.66
N GLU C 59 -5.37 -3.54 22.94
CA GLU C 59 -4.82 -2.79 24.08
C GLU C 59 -5.34 -3.29 25.42
N GLY C 60 -6.59 -3.71 25.41
CA GLY C 60 -7.25 -4.17 26.62
C GLY C 60 -6.88 -5.54 27.17
N CYS C 61 -6.37 -6.44 26.33
CA CYS C 61 -6.03 -7.79 26.84
C CYS C 61 -4.85 -7.73 27.80
N PRO C 62 -5.07 -8.10 29.06
CA PRO C 62 -3.96 -8.03 30.02
C PRO C 62 -2.81 -9.01 29.85
N THR C 63 -3.03 -10.07 29.08
CA THR C 63 -2.01 -11.10 28.83
C THR C 63 -1.35 -10.96 27.44
N ASP C 64 -1.71 -9.88 26.72
CA ASP C 64 -1.20 -9.64 25.35
C ASP C 64 -1.48 -10.87 24.45
N SER C 65 -2.58 -11.57 24.74
CA SER C 65 -2.95 -12.77 23.94
C SER C 65 -3.59 -12.37 22.61
N ILE C 66 -4.09 -11.15 22.51
CA ILE C 66 -4.67 -10.68 21.25
C ILE C 66 -3.49 -10.14 20.43
N LYS C 67 -3.36 -10.61 19.21
CA LYS C 67 -2.26 -10.21 18.32
C LYS C 67 -2.80 -9.47 17.13
N VAL C 68 -2.05 -8.50 16.63
CA VAL C 68 -2.37 -7.76 15.42
C VAL C 68 -1.14 -7.72 14.52
N ALA C 69 -1.34 -8.01 13.22
CA ALA C 69 -0.25 -7.96 12.26
C ALA C 69 -0.70 -7.45 10.88
N ASP C 70 0.27 -7.20 10.00
CA ASP C 70 0.00 -6.74 8.64
C ASP C 70 0.02 -7.86 7.59
N GLU C 71 0.34 -9.06 8.04
CA GLU C 71 0.43 -10.23 7.19
C GLU C 71 -0.26 -11.36 7.93
N PRO C 72 -0.76 -12.34 7.22
CA PRO C 72 -1.44 -13.45 7.90
C PRO C 72 -0.58 -14.18 8.91
N PHE C 73 -1.24 -14.71 9.94
CA PHE C 73 -0.56 -15.52 10.96
C PHE C 73 -0.48 -16.98 10.53
N ASP C 74 -1.31 -17.38 9.55
CA ASP C 74 -1.31 -18.79 9.08
C ASP C 74 -1.40 -19.75 10.27
N GLY C 75 -2.35 -19.46 11.16
CA GLY C 75 -2.64 -20.33 12.29
C GLY C 75 -1.72 -20.23 13.49
N ASP C 76 -0.63 -19.48 13.35
CA ASP C 76 0.36 -19.38 14.44
C ASP C 76 0.27 -18.02 15.14
N PRO C 77 -0.27 -17.99 16.36
CA PRO C 77 -0.39 -16.72 17.06
C PRO C 77 0.97 -16.15 17.42
N ASN C 78 2.03 -16.96 17.33
CA ASN C 78 3.36 -16.44 17.69
C ASN C 78 4.24 -16.25 16.49
N LYS C 79 3.62 -16.19 15.31
CA LYS C 79 4.38 -16.01 14.09
C LYS C 79 5.34 -14.82 14.10
N PHE C 80 4.88 -13.74 14.71
CA PHE C 80 5.67 -12.53 14.75
C PHE C 80 6.43 -12.29 16.04
N GLU C 81 6.59 -13.34 16.86
CA GLU C 81 7.31 -13.23 18.12
C GLU C 81 8.61 -14.04 18.03
N PRO D 1 -3.04 -4.01 -3.44
CA PRO D 1 -3.71 -4.97 -4.35
C PRO D 1 -3.98 -4.23 -5.66
N LYS D 2 -4.48 -4.97 -6.64
CA LYS D 2 -4.81 -4.35 -7.93
C LYS D 2 -6.21 -4.76 -8.32
N TYR D 3 -6.89 -3.87 -9.04
CA TYR D 3 -8.25 -4.07 -9.52
C TYR D 3 -8.24 -3.78 -11.01
N THR D 4 -9.16 -4.40 -11.75
CA THR D 4 -9.20 -4.19 -13.17
C THR D 4 -10.63 -4.17 -13.64
N ILE D 5 -10.88 -3.51 -14.79
CA ILE D 5 -12.23 -3.41 -15.31
C ILE D 5 -12.09 -3.06 -16.78
N VAL D 6 -13.12 -3.34 -17.58
CA VAL D 6 -13.08 -3.03 -19.01
C VAL D 6 -13.99 -1.82 -19.26
N ASP D 7 -13.50 -0.85 -20.00
CA ASP D 7 -14.40 0.26 -20.39
C ASP D 7 -15.14 -0.32 -21.64
N LYS D 8 -16.40 -0.73 -21.44
CA LYS D 8 -17.18 -1.34 -22.54
C LYS D 8 -17.48 -0.37 -23.65
N GLU D 9 -17.47 0.92 -23.34
CA GLU D 9 -17.74 1.87 -24.42
C GLU D 9 -16.61 1.99 -25.41
N THR D 10 -15.37 1.78 -24.98
CA THR D 10 -14.28 1.95 -25.94
C THR D 10 -13.77 0.61 -26.49
N CYS D 11 -14.26 -0.51 -25.92
CA CYS D 11 -13.82 -1.83 -26.39
C CYS D 11 -14.35 -2.12 -27.80
N ILE D 12 -13.49 -2.56 -28.71
CA ILE D 12 -14.01 -2.92 -30.02
C ILE D 12 -13.73 -4.41 -30.35
N ALA D 13 -13.71 -5.25 -29.31
CA ALA D 13 -13.56 -6.68 -29.46
C ALA D 13 -12.30 -7.16 -30.14
N CYS D 14 -11.20 -6.50 -29.87
CA CYS D 14 -9.90 -6.88 -30.45
C CYS D 14 -9.53 -8.31 -30.08
N GLY D 15 -9.76 -8.66 -28.82
CA GLY D 15 -9.53 -10.01 -28.35
C GLY D 15 -8.21 -10.33 -27.69
N ALA D 16 -7.36 -9.32 -27.54
CA ALA D 16 -6.08 -9.56 -26.95
C ALA D 16 -6.19 -9.86 -25.44
N CYS D 17 -7.12 -9.21 -24.75
CA CYS D 17 -7.26 -9.43 -23.29
C CYS D 17 -7.63 -10.84 -22.85
N GLY D 18 -8.63 -11.42 -23.50
CA GLY D 18 -9.06 -12.77 -23.15
C GLY D 18 -8.02 -13.78 -23.53
N ALA D 19 -7.23 -13.47 -24.56
CA ALA D 19 -6.19 -14.43 -24.97
C ALA D 19 -5.01 -14.38 -23.98
N ALA D 20 -4.66 -13.17 -23.53
CA ALA D 20 -3.58 -12.95 -22.58
C ALA D 20 -3.92 -13.36 -21.14
N ALA D 21 -5.18 -13.15 -20.75
CA ALA D 21 -5.60 -13.42 -19.37
C ALA D 21 -7.01 -13.99 -19.37
N PRO D 22 -7.17 -15.24 -19.81
CA PRO D 22 -8.46 -15.91 -19.86
C PRO D 22 -9.14 -16.08 -18.48
N ASP D 23 -8.38 -16.07 -17.40
CA ASP D 23 -9.02 -16.23 -16.11
C ASP D 23 -9.49 -14.89 -15.57
N ILE D 24 -9.34 -13.82 -16.36
CA ILE D 24 -9.75 -12.49 -15.87
C ILE D 24 -10.76 -11.89 -16.81
N TYR D 25 -10.51 -11.98 -18.12
CA TYR D 25 -11.43 -11.35 -19.10
C TYR D 25 -12.13 -12.32 -20.04
N ASP D 26 -13.41 -12.09 -20.27
CA ASP D 26 -14.18 -12.91 -21.19
C ASP D 26 -15.09 -11.96 -21.98
N TYR D 27 -15.93 -12.51 -22.85
CA TYR D 27 -16.74 -11.68 -23.73
C TYR D 27 -18.23 -11.91 -23.55
N ASP D 28 -18.99 -10.82 -23.52
CA ASP D 28 -20.43 -10.91 -23.35
C ASP D 28 -21.09 -11.32 -24.66
N GLU D 29 -22.42 -11.38 -24.67
CA GLU D 29 -23.18 -11.82 -25.85
C GLU D 29 -22.98 -10.90 -27.06
N ASP D 30 -22.49 -9.70 -26.80
CA ASP D 30 -22.27 -8.74 -27.88
C ASP D 30 -20.79 -8.70 -28.29
N GLY D 31 -20.01 -9.63 -27.74
CA GLY D 31 -18.59 -9.72 -28.09
C GLY D 31 -17.71 -8.76 -27.33
N ILE D 32 -18.30 -8.05 -26.37
CA ILE D 32 -17.55 -7.04 -25.62
C ILE D 32 -16.89 -7.61 -24.37
N ALA D 33 -15.65 -7.22 -24.10
CA ALA D 33 -14.96 -7.81 -22.94
C ALA D 33 -15.51 -7.33 -21.60
N TYR D 34 -15.27 -8.14 -20.59
CA TYR D 34 -15.65 -7.76 -19.24
C TYR D 34 -14.83 -8.61 -18.30
N VAL D 35 -14.71 -8.15 -17.08
CA VAL D 35 -13.95 -8.86 -16.05
C VAL D 35 -14.83 -9.87 -15.36
N THR D 36 -14.46 -11.15 -15.43
CA THR D 36 -15.29 -12.19 -14.85
C THR D 36 -15.13 -12.33 -13.32
N LEU D 37 -14.07 -11.72 -12.76
CA LEU D 37 -13.88 -11.80 -11.31
C LEU D 37 -14.98 -11.16 -10.51
N ASP D 38 -15.61 -10.15 -11.10
CA ASP D 38 -16.60 -9.36 -10.38
C ASP D 38 -17.66 -8.67 -11.28
N ASP D 39 -18.01 -9.32 -12.37
CA ASP D 39 -19.00 -8.81 -13.30
C ASP D 39 -18.71 -7.38 -13.72
N ASN D 40 -17.42 -7.12 -13.98
CA ASN D 40 -16.96 -5.84 -14.47
C ASN D 40 -17.22 -4.62 -13.58
N GLN D 41 -17.17 -4.80 -12.26
CA GLN D 41 -17.37 -3.70 -11.33
C GLN D 41 -16.10 -3.17 -10.73
N GLY D 42 -14.97 -3.85 -11.00
CA GLY D 42 -13.69 -3.38 -10.49
C GLY D 42 -13.63 -3.34 -8.98
N ILE D 43 -14.15 -4.36 -8.29
CA ILE D 43 -14.16 -4.39 -6.83
C ILE D 43 -13.51 -5.62 -6.20
N VAL D 44 -13.18 -6.63 -7.01
CA VAL D 44 -12.51 -7.81 -6.44
C VAL D 44 -11.03 -7.68 -6.81
N GLU D 45 -10.17 -7.89 -5.82
CA GLU D 45 -8.73 -7.81 -6.01
C GLU D 45 -8.34 -8.91 -6.96
N VAL D 46 -7.45 -8.59 -7.90
CA VAL D 46 -6.99 -9.60 -8.85
C VAL D 46 -6.03 -10.54 -8.10
N PRO D 47 -6.26 -11.85 -8.19
CA PRO D 47 -5.39 -12.85 -7.52
C PRO D 47 -3.93 -12.61 -7.88
N ASP D 48 -3.03 -12.60 -6.91
CA ASP D 48 -1.59 -12.36 -7.17
C ASP D 48 -0.98 -13.15 -8.33
N ILE D 49 -1.43 -14.39 -8.47
CA ILE D 49 -0.91 -15.28 -9.50
C ILE D 49 -1.46 -14.95 -10.89
N LEU D 50 -2.33 -13.97 -10.96
CA LEU D 50 -2.91 -13.55 -12.23
C LEU D 50 -2.45 -12.15 -12.59
N ILE D 51 -1.61 -11.54 -11.76
CA ILE D 51 -1.16 -10.20 -12.03
C ILE D 51 -0.34 -10.06 -13.29
N ASP D 52 0.51 -11.04 -13.59
CA ASP D 52 1.28 -10.92 -14.82
C ASP D 52 0.39 -10.98 -16.04
N ASP D 53 -0.60 -11.89 -16.02
CA ASP D 53 -1.52 -12.01 -17.15
C ASP D 53 -2.29 -10.68 -17.26
N MET D 54 -2.70 -10.13 -16.11
CA MET D 54 -3.40 -8.83 -16.10
C MET D 54 -2.57 -7.75 -16.81
N MET D 55 -1.27 -7.65 -16.50
CA MET D 55 -0.50 -6.61 -17.18
C MET D 55 -0.35 -6.94 -18.65
N ASP D 56 -0.27 -8.22 -18.97
CA ASP D 56 -0.19 -8.59 -20.39
C ASP D 56 -1.43 -8.05 -21.11
N ALA D 57 -2.63 -8.29 -20.55
CA ALA D 57 -3.86 -7.79 -21.17
C ALA D 57 -3.89 -6.26 -21.19
N PHE D 58 -3.53 -5.62 -20.07
CA PHE D 58 -3.49 -4.18 -19.97
C PHE D 58 -2.60 -3.55 -21.07
N GLU D 59 -1.40 -4.10 -21.23
CA GLU D 59 -0.48 -3.55 -22.23
C GLU D 59 -0.86 -3.94 -23.65
N GLY D 60 -1.51 -5.09 -23.77
CA GLY D 60 -1.89 -5.61 -25.07
C GLY D 60 -3.16 -5.06 -25.71
N CYS D 61 -4.03 -4.47 -24.90
CA CYS D 61 -5.26 -3.93 -25.45
C CYS D 61 -4.97 -2.76 -26.36
N PRO D 62 -5.31 -2.90 -27.64
CA PRO D 62 -5.06 -1.81 -28.59
C PRO D 62 -5.79 -0.49 -28.32
N THR D 63 -6.97 -0.58 -27.70
CA THR D 63 -7.81 0.59 -27.43
C THR D 63 -7.70 1.18 -26.01
N ASP D 64 -6.79 0.62 -25.21
CA ASP D 64 -6.62 1.02 -23.83
C ASP D 64 -7.92 0.93 -23.08
N SER D 65 -8.72 -0.09 -23.42
CA SER D 65 -9.99 -0.29 -22.75
C SER D 65 -9.85 -1.08 -21.45
N ILE D 66 -8.76 -1.82 -21.29
CA ILE D 66 -8.53 -2.53 -20.02
C ILE D 66 -7.93 -1.51 -19.04
N LYS D 67 -8.50 -1.35 -17.85
CA LYS D 67 -7.96 -0.41 -16.86
C LYS D 67 -7.40 -1.18 -15.65
N VAL D 68 -6.37 -0.64 -15.02
CA VAL D 68 -5.79 -1.23 -13.81
C VAL D 68 -5.60 -0.14 -12.75
N ALA D 69 -5.97 -0.44 -11.51
CA ALA D 69 -5.77 0.54 -10.43
C ALA D 69 -5.49 -0.15 -9.11
N ASP D 70 -4.97 0.62 -8.15
CA ASP D 70 -4.72 0.01 -6.84
C ASP D 70 -5.83 0.30 -5.86
N GLU D 71 -6.97 0.83 -6.34
CA GLU D 71 -8.13 1.08 -5.51
C GLU D 71 -9.32 0.62 -6.38
N PRO D 72 -10.47 0.31 -5.77
CA PRO D 72 -11.62 -0.13 -6.55
C PRO D 72 -12.15 0.93 -7.52
N PHE D 73 -12.72 0.46 -8.61
CA PHE D 73 -13.33 1.37 -9.58
C PHE D 73 -14.80 1.63 -9.26
N ASP D 74 -15.40 0.80 -8.39
CA ASP D 74 -16.81 0.96 -8.04
C ASP D 74 -17.68 1.15 -9.30
N GLY D 75 -17.44 0.30 -10.29
CA GLY D 75 -18.24 0.32 -11.49
C GLY D 75 -17.87 1.31 -12.55
N ASP D 76 -17.01 2.27 -12.25
CA ASP D 76 -16.65 3.30 -13.23
C ASP D 76 -15.28 3.05 -13.84
N PRO D 77 -15.22 2.59 -15.12
CA PRO D 77 -13.92 2.33 -15.73
C PRO D 77 -13.06 3.57 -15.92
N ASN D 78 -13.69 4.74 -15.84
CA ASN D 78 -12.95 5.99 -16.06
C ASN D 78 -12.65 6.74 -14.78
N LYS D 79 -12.89 6.11 -13.64
CA LYS D 79 -12.68 6.77 -12.34
C LYS D 79 -11.32 7.47 -12.13
N PHE D 80 -10.22 6.91 -12.64
CA PHE D 80 -8.90 7.47 -12.47
C PHE D 80 -8.33 8.14 -13.73
N GLU D 81 -9.23 8.67 -14.54
CA GLU D 81 -8.88 9.32 -15.80
C GLU D 81 -9.32 10.76 -15.82
S SO4 E . 16.62 1.11 -0.12
O1 SO4 E . 16.68 -0.46 0.37
O2 SO4 E . 16.24 1.97 1.07
O3 SO4 E . 17.83 1.41 -0.68
O4 SO4 E . 15.47 1.14 -1.02
S SO4 F . 12.28 12.22 8.30
O1 SO4 F . 10.85 11.91 9.09
O2 SO4 F . 13.31 12.16 9.37
O3 SO4 F . 12.44 11.32 7.28
O4 SO4 F . 12.15 13.61 7.81
N1A COA G . 0.59 17.20 26.81
C2A COA G . 1.13 15.91 26.67
N3A COA G . 0.39 14.82 26.65
C4A COA G . -0.97 15.04 26.79
C5A COA G . -1.68 16.27 26.95
C6A COA G . -0.80 17.46 26.96
N6A COA G . -1.23 18.66 27.07
N7A COA G . -3.02 16.12 27.07
C8A COA G . -3.19 14.81 26.94
N9A COA G . -1.93 14.12 26.74
C1B COA G . -1.40 12.61 26.39
C2B COA G . -0.92 11.88 27.55
O2B COA G . 0.11 11.05 27.06
C3B COA G . -2.10 11.19 27.87
O3B COA G . -2.14 9.70 27.52
P3B COA G . -1.33 8.36 27.97
O7A COA G . 0.21 8.28 27.50
O8A COA G . -2.15 7.22 27.23
O9A COA G . -1.47 8.34 29.56
C4B COA G . -3.14 11.43 26.88
O4B COA G . -2.64 12.40 25.88
C5B COA G . -4.44 10.98 27.14
O5B COA G . -5.18 11.53 25.99
P1A COA G . -6.64 11.07 26.43
O1A COA G . -7.03 11.98 27.52
O2A COA G . -6.56 9.65 26.90
O3A COA G . -7.82 11.45 25.65
P2A COA G . -8.76 11.91 24.51
O4A COA G . -8.69 11.12 23.32
O5A COA G . -10.07 11.82 25.23
O6A COA G . -8.66 13.60 24.24
CBP COA G . -7.04 14.89 23.31
CCP COA G . -8.45 14.45 22.96
CDP COA G . -6.46 13.68 24.00
CEP COA G . -6.36 15.26 21.99
CAP COA G . -7.07 16.13 24.42
OAP COA G . -5.79 16.22 24.82
C9P COA G . -7.40 17.62 23.86
O9P COA G . -8.59 18.01 23.38
N8P COA G . -6.36 18.48 23.84
C7P COA G . -6.32 19.76 23.05
C6P COA G . -5.93 19.14 21.76
C5P COA G . -4.73 19.68 21.09
O5P COA G . -4.00 20.62 21.42
N4P COA G . -4.48 18.93 20.17
C3P COA G . -3.33 19.02 19.26
C2P COA G . -2.50 17.91 20.16
S1P COA G . -3.35 16.30 20.32
FE1 F3S H . 1.18 11.66 18.47
FE3 F3S H . 2.77 13.59 17.50
FE4 F3S H . 3.58 12.17 19.62
S1 F3S H . 0.46 13.66 17.64
S2 F3S H . 1.59 11.66 20.67
S3 F3S H . 3.20 11.52 17.56
S4 F3S H . 3.75 14.40 19.37
S SO4 I . 14.13 13.88 -7.05
O1 SO4 I . 14.11 12.66 -8.13
O2 SO4 I . 12.92 13.65 -6.22
O3 SO4 I . 15.28 13.90 -6.29
O4 SO4 I . 13.97 15.08 -7.86
FE1 F3S J . 17.40 8.27 -19.76
FE3 F3S J . 16.74 5.75 -19.31
FE4 F3S J . 18.31 7.01 -17.56
S1 F3S J . 17.30 6.66 -21.33
S2 F3S J . 19.47 8.38 -18.93
S3 F3S J . 16.28 7.46 -18.09
S4 F3S J . 18.56 4.85 -18.22
FE1 F3S K . -7.13 -11.53 26.72
FE3 F3S K . -8.19 -13.98 26.76
FE4 F3S K . -9.59 -11.95 25.72
S1 F3S K . -6.90 -13.00 28.44
S2 F3S K . -8.91 -10.20 26.99
S3 F3S K . -7.72 -12.83 25.02
S4 F3S K . -10.39 -13.55 27.03
FE1 F3S L . -11.82 -5.04 -25.98
FE3 F3S L . -10.08 -6.77 -24.96
FE4 F3S L . -9.20 -4.38 -25.69
S1 F3S L . -11.69 -7.21 -26.48
S2 F3S L . -10.57 -3.81 -27.43
S3 F3S L . -10.70 -4.89 -24.14
S4 F3S L . -8.12 -6.32 -26.08
#